data_6ZFC
#
_entry.id   6ZFC
#
_cell.length_a   109.092
_cell.length_b   49.163
_cell.length_c   115.098
_cell.angle_alpha   90.000
_cell.angle_beta   91.360
_cell.angle_gamma   90.000
#
_symmetry.space_group_name_H-M   'I 1 2 1'
#
loop_
_entity.id
_entity.type
_entity.pdbx_description
1 polymer 'bacterial lectin from Burkholderia ambifaria'
2 non-polymer 2-[(2~{S},3~{S},4~{R},4~{a}~{S},10~{a}~{S})-2-methyl-3,4-bis(oxidanyl)-3,4,4~{a},10~{a}-tetrahydro-2~{H}-pyrano[2,3-b][1,4]benzoxathiin-7-yl]-~{N}-(3-oxidanylpropyl)ethanamide
3 water water
#
_entity_poly.entity_id   1
_entity_poly.type   'polypeptide(L)'
_entity_poly.pdbx_seq_one_letter_code
;MQTAAISWGTTPSIRVYTANGNKITERCYDGSNWYTGAFNQAGDNVSATCWLSGSAVHIRVYATSGGSTTEWCWDGDGWT
RGAYTGL
;
_entity_poly.pdbx_strand_id   A,B,C,D,E,F
#
loop_
_chem_comp.id
_chem_comp.type
_chem_comp.name
_chem_comp.formula
QJB non-polymer 2-[(2~{S},3~{S},4~{R},4~{a}~{S},10~{a}~{S})-2-methyl-3,4-bis(oxidanyl)-3,4,4~{a},10~{a}-tetrahydro-2~{H}-pyrano[2,3-b][1,4]benzoxathiin-7-yl]-~{N}-(3-oxidanylpropyl)ethanamide 'C17 H23 N O6 S'
#
# COMPACT_ATOMS: atom_id res chain seq x y z
N MET A 1 -14.51 -2.10 11.40
CA MET A 1 -13.60 -1.05 11.83
C MET A 1 -13.90 0.19 10.97
N GLN A 2 -13.90 1.38 11.57
CA GLN A 2 -14.42 2.61 10.92
C GLN A 2 -13.44 3.73 11.25
N THR A 3 -13.13 4.62 10.31
CA THR A 3 -12.15 5.70 10.55
C THR A 3 -12.76 7.07 10.25
N ALA A 4 -12.09 8.09 10.79
CA ALA A 4 -12.35 9.51 10.48
C ALA A 4 -10.98 10.14 10.33
N ALA A 5 -10.84 11.09 9.41
CA ALA A 5 -9.53 11.72 9.14
C ALA A 5 -9.68 13.21 9.11
N ILE A 6 -8.69 13.92 9.62
CA ILE A 6 -8.61 15.39 9.58
C ILE A 6 -7.17 15.75 9.31
N SER A 7 -6.96 16.96 8.83
CA SER A 7 -5.62 17.49 8.55
C SER A 7 -5.62 19.00 8.69
N TRP A 8 -4.48 19.59 8.98
CA TRP A 8 -4.38 21.06 9.04
C TRP A 8 -2.93 21.47 8.81
N GLY A 9 -2.74 22.75 8.48
CA GLY A 9 -1.42 23.38 8.25
C GLY A 9 -0.82 22.97 6.92
N THR A 10 0.41 23.41 6.67
CA THR A 10 1.11 23.25 5.36
C THR A 10 1.93 21.96 5.37
N THR A 11 2.28 21.43 6.54
CA THR A 11 3.13 20.23 6.60
C THR A 11 2.53 19.09 5.78
N PRO A 12 1.29 18.57 6.00
CA PRO A 12 0.37 18.96 7.07
C PRO A 12 0.51 18.06 8.30
N SER A 13 -0.22 18.36 9.35
CA SER A 13 -0.58 17.37 10.38
C SER A 13 -1.82 16.61 9.95
N ILE A 14 -1.83 15.34 10.21
CA ILE A 14 -3.05 14.50 9.98
C ILE A 14 -3.37 13.78 11.28
N ARG A 15 -4.66 13.55 11.56
CA ARG A 15 -5.10 12.67 12.64
C ARG A 15 -6.11 11.72 12.03
N VAL A 16 -5.91 10.44 12.22
CA VAL A 16 -6.86 9.38 11.85
C VAL A 16 -7.36 8.75 13.15
N TYR A 17 -8.67 8.79 13.33
CA TYR A 17 -9.41 8.16 14.45
C TYR A 17 -9.95 6.83 13.94
N THR A 18 -9.72 5.75 14.70
CA THR A 18 -10.25 4.42 14.34
C THR A 18 -11.16 3.91 15.46
N ALA A 19 -12.40 3.56 15.10
CA ALA A 19 -13.34 2.82 15.93
C ALA A 19 -13.18 1.33 15.62
N ASN A 20 -12.81 0.56 16.64
CA ASN A 20 -12.59 -0.90 16.53
C ASN A 20 -13.07 -1.53 17.84
N GLY A 21 -14.10 -2.38 17.84
CA GLY A 21 -14.45 -3.13 19.06
C GLY A 21 -14.73 -2.18 20.24
N ASN A 22 -15.59 -1.20 19.94
CA ASN A 22 -16.11 -0.14 20.83
C ASN A 22 -15.00 0.75 21.39
N LYS A 23 -13.82 0.75 20.79
CA LYS A 23 -12.71 1.63 21.22
C LYS A 23 -12.31 2.53 20.05
N ILE A 24 -12.15 3.81 20.34
CA ILE A 24 -11.63 4.81 19.37
C ILE A 24 -10.22 5.20 19.83
N THR A 25 -9.25 5.03 18.93
CA THR A 25 -7.84 5.44 19.12
C THR A 25 -7.46 6.40 18.01
N GLU A 26 -6.26 6.93 18.10
CA GLU A 26 -5.80 8.05 17.26
C GLU A 26 -4.38 7.78 16.79
N ARG A 27 -4.17 7.84 15.46
CA ARG A 27 -2.84 7.81 14.84
C ARG A 27 -2.56 9.20 14.27
N CYS A 28 -1.35 9.67 14.47
CA CYS A 28 -0.97 11.06 14.23
C CYS A 28 0.22 11.07 13.29
N TYR A 29 0.25 12.09 12.46
CA TYR A 29 1.39 12.48 11.62
C TYR A 29 1.60 13.97 11.75
N ASP A 30 2.87 14.36 11.90
CA ASP A 30 3.22 15.79 11.98
C ASP A 30 4.42 16.12 11.09
N GLY A 31 4.84 15.23 10.17
CA GLY A 31 5.95 15.59 9.26
C GLY A 31 7.09 14.58 9.27
N SER A 32 7.07 13.56 10.13
CA SER A 32 8.05 12.44 10.10
C SER A 32 7.35 11.09 10.20
N ASN A 33 7.23 10.59 11.42
CA ASN A 33 6.70 9.25 11.74
C ASN A 33 5.21 9.36 12.08
N TRP A 34 4.47 8.31 11.78
CA TRP A 34 3.13 8.06 12.34
C TRP A 34 3.31 7.60 13.78
N TYR A 35 2.55 8.16 14.72
CA TYR A 35 2.64 7.78 16.14
C TYR A 35 1.25 7.72 16.76
N THR A 36 1.14 7.12 17.94
CA THR A 36 -0.18 6.94 18.62
C THR A 36 -0.43 8.17 19.48
N GLY A 37 -1.61 8.79 19.30
CA GLY A 37 -1.97 9.98 20.08
C GLY A 37 -2.62 9.61 21.40
N ALA A 38 -2.98 10.64 22.17
CA ALA A 38 -3.54 10.53 23.54
C ALA A 38 -5.02 10.16 23.47
N PHE A 39 -5.68 10.27 22.33
CA PHE A 39 -7.14 10.03 22.30
C PHE A 39 -7.44 8.57 22.59
N ASN A 40 -8.34 8.33 23.55
CA ASN A 40 -8.79 6.98 23.95
C ASN A 40 -10.19 7.12 24.52
N GLN A 41 -11.23 6.86 23.73
CA GLN A 41 -12.63 6.94 24.22
C GLN A 41 -13.43 5.84 23.57
N ALA A 42 -14.54 5.48 24.19
CA ALA A 42 -15.45 4.45 23.69
C ALA A 42 -16.22 4.93 22.47
N GLY A 43 -16.47 4.00 21.54
CA GLY A 43 -17.44 4.17 20.45
C GLY A 43 -17.28 3.13 19.39
N ASP A 44 -18.35 2.83 18.66
CA ASP A 44 -18.36 1.94 17.46
C ASP A 44 -18.36 2.81 16.19
N ASN A 45 -18.54 4.14 16.33
CA ASN A 45 -18.58 5.08 15.19
C ASN A 45 -17.91 6.41 15.59
N VAL A 46 -17.14 7.00 14.70
CA VAL A 46 -16.39 8.25 14.98
C VAL A 46 -16.52 9.18 13.75
N SER A 47 -16.68 10.46 14.03
CA SER A 47 -16.45 11.56 13.08
C SER A 47 -15.60 12.63 13.79
N ALA A 48 -14.95 13.45 13.00
CA ALA A 48 -14.06 14.47 13.54
C ALA A 48 -14.01 15.65 12.61
N THR A 49 -13.76 16.81 13.19
CA THR A 49 -13.52 18.05 12.46
C THR A 49 -12.51 18.88 13.24
N CYS A 50 -11.86 19.80 12.55
CA CYS A 50 -10.88 20.67 13.23
C CYS A 50 -10.88 22.05 12.59
N TRP A 51 -10.37 23.00 13.36
CA TRP A 51 -10.18 24.38 12.85
C TRP A 51 -8.95 24.97 13.53
N LEU A 52 -8.43 26.05 12.98
CA LEU A 52 -7.26 26.75 13.55
C LEU A 52 -7.71 28.04 14.20
N SER A 53 -7.09 28.38 15.33
CA SER A 53 -7.14 29.73 15.93
C SER A 53 -5.70 30.24 15.85
N GLY A 54 -5.45 31.16 14.92
CA GLY A 54 -4.11 31.39 14.36
C GLY A 54 -3.59 30.13 13.67
N SER A 55 -2.54 29.51 14.21
CA SER A 55 -2.02 28.24 13.66
C SER A 55 -2.21 27.10 14.68
N ALA A 56 -2.86 27.36 15.83
CA ALA A 56 -3.15 26.36 16.89
C ALA A 56 -4.44 25.61 16.55
N VAL A 57 -4.40 24.30 16.71
CA VAL A 57 -5.49 23.39 16.27
C VAL A 57 -6.52 23.22 17.39
N HIS A 58 -7.79 23.13 16.96
CA HIS A 58 -8.93 22.75 17.79
C HIS A 58 -9.60 21.56 17.10
N ILE A 59 -9.72 20.45 17.83
CA ILE A 59 -10.32 19.21 17.28
C ILE A 59 -11.58 18.90 18.06
N ARG A 60 -12.59 18.42 17.35
CA ARG A 60 -13.78 17.85 18.00
C ARG A 60 -13.98 16.46 17.43
N VAL A 61 -14.10 15.47 18.31
CA VAL A 61 -14.35 14.09 17.88
C VAL A 61 -15.72 13.71 18.41
N TYR A 62 -16.56 13.15 17.57
CA TYR A 62 -17.93 12.73 17.89
C TYR A 62 -17.92 11.24 18.00
N ALA A 63 -17.98 10.74 19.25
CA ALA A 63 -17.85 9.29 19.53
C ALA A 63 -19.25 8.72 19.80
N THR A 64 -19.70 7.80 18.99
CA THR A 64 -21.05 7.22 19.12
C THR A 64 -20.95 5.78 19.62
N SER A 65 -21.58 5.52 20.76
CA SER A 65 -21.76 4.17 21.36
C SER A 65 -23.25 3.93 21.32
N GLY A 66 -23.68 2.95 20.52
CA GLY A 66 -25.11 2.58 20.41
C GLY A 66 -25.94 3.75 19.95
N GLY A 67 -26.75 4.31 20.86
CA GLY A 67 -27.72 5.36 20.54
C GLY A 67 -27.30 6.77 20.94
N SER A 68 -26.14 7.01 21.55
CA SER A 68 -25.81 8.41 21.97
C SER A 68 -24.38 8.79 21.58
N THR A 69 -24.21 10.05 21.17
CA THR A 69 -22.95 10.64 20.71
C THR A 69 -22.39 11.52 21.81
N THR A 70 -21.09 11.39 22.08
CA THR A 70 -20.37 12.23 23.05
C THR A 70 -19.27 12.96 22.27
N GLU A 71 -19.19 14.22 22.51
CA GLU A 71 -18.14 15.10 21.92
C GLU A 71 -16.93 15.11 22.83
N TRP A 72 -15.75 14.96 22.21
CA TRP A 72 -14.47 15.11 22.88
C TRP A 72 -13.69 16.23 22.18
N CYS A 73 -12.97 17.01 22.98
CA CYS A 73 -12.38 18.29 22.54
C CYS A 73 -10.88 18.30 22.77
N TRP A 74 -10.12 18.73 21.75
CA TRP A 74 -8.70 19.12 21.90
C TRP A 74 -8.63 20.61 21.65
N ASP A 75 -8.16 21.38 22.64
CA ASP A 75 -7.98 22.84 22.51
C ASP A 75 -6.58 23.25 22.94
N GLY A 76 -5.62 22.32 22.94
CA GLY A 76 -4.20 22.54 23.33
C GLY A 76 -3.84 22.08 24.73
N ASP A 77 -4.75 21.47 25.49
N ASP A 77 -4.77 21.41 25.44
CA ASP A 77 -4.46 21.10 26.91
CA ASP A 77 -4.69 21.22 26.91
C ASP A 77 -5.20 19.83 27.32
C ASP A 77 -5.24 19.84 27.32
N GLY A 78 -5.14 18.82 26.47
CA GLY A 78 -5.67 17.48 26.77
C GLY A 78 -7.08 17.35 26.24
N TRP A 79 -7.51 16.11 26.14
CA TRP A 79 -8.90 15.78 25.72
C TRP A 79 -9.85 16.05 26.85
N THR A 80 -10.85 16.86 26.54
CA THR A 80 -11.89 17.27 27.49
C THR A 80 -13.25 16.92 26.92
N ARG A 81 -14.23 16.73 27.79
CA ARG A 81 -15.60 16.46 27.29
C ARG A 81 -16.21 17.76 26.70
N GLY A 82 -17.02 17.63 25.66
CA GLY A 82 -17.82 18.77 25.15
C GLY A 82 -19.27 18.73 25.57
N ALA A 83 -20.00 19.79 25.21
CA ALA A 83 -21.39 20.03 25.62
C ALA A 83 -22.36 19.49 24.57
N TYR A 84 -21.87 18.94 23.46
CA TYR A 84 -22.75 18.38 22.43
C TYR A 84 -23.81 17.50 23.05
N THR A 85 -25.07 17.69 22.65
CA THR A 85 -26.17 16.69 22.82
C THR A 85 -26.84 16.47 21.47
N GLY A 86 -27.52 15.32 21.30
CA GLY A 86 -28.33 15.03 20.11
C GLY A 86 -29.72 15.66 20.14
N LEU A 87 -30.59 15.18 19.24
CA LEU A 87 -32.00 15.60 19.05
C LEU A 87 -32.73 15.78 20.39
N MET B 1 -25.89 3.78 14.69
CA MET B 1 -26.01 5.26 14.60
C MET B 1 -24.65 5.78 14.11
N GLN B 2 -24.67 6.69 13.16
CA GLN B 2 -23.43 7.11 12.45
C GLN B 2 -23.44 8.61 12.26
N THR B 3 -22.29 9.25 12.36
CA THR B 3 -22.25 10.73 12.27
C THR B 3 -21.23 11.20 11.28
N ALA B 4 -21.44 12.40 10.81
CA ALA B 4 -20.50 13.20 10.01
C ALA B 4 -20.41 14.58 10.64
N ALA B 5 -19.21 15.15 10.63
CA ALA B 5 -18.95 16.44 11.28
C ALA B 5 -18.23 17.35 10.31
N ILE B 6 -18.68 18.59 10.27
CA ILE B 6 -18.01 19.68 9.52
C ILE B 6 -17.90 20.91 10.42
N SER B 7 -17.00 21.81 10.07
CA SER B 7 -16.86 23.10 10.78
C SER B 7 -16.31 24.14 9.80
N TRP B 8 -16.58 25.40 10.12
CA TRP B 8 -16.03 26.54 9.34
C TRP B 8 -15.85 27.78 10.20
N GLY B 9 -15.00 28.68 9.73
CA GLY B 9 -14.76 29.97 10.40
C GLY B 9 -13.93 29.79 11.65
N THR B 10 -13.92 30.82 12.49
CA THR B 10 -13.06 30.89 13.71
C THR B 10 -13.95 30.85 14.96
N THR B 11 -15.26 30.93 14.83
CA THR B 11 -16.10 30.89 16.05
C THR B 11 -15.87 29.60 16.85
N PRO B 12 -15.94 28.36 16.29
CA PRO B 12 -16.34 28.05 14.94
C PRO B 12 -17.85 27.80 14.85
N SER B 13 -18.34 27.57 13.63
CA SER B 13 -19.64 26.90 13.41
C SER B 13 -19.33 25.41 13.23
N ILE B 14 -20.15 24.54 13.80
CA ILE B 14 -20.01 23.08 13.62
C ILE B 14 -21.37 22.55 13.25
N ARG B 15 -21.41 21.57 12.38
CA ARG B 15 -22.66 20.82 12.11
C ARG B 15 -22.31 19.36 12.26
N VAL B 16 -23.15 18.60 12.92
CA VAL B 16 -22.96 17.16 13.12
C VAL B 16 -24.22 16.56 12.53
N TYR B 17 -24.05 15.76 11.49
CA TYR B 17 -25.20 14.99 10.89
C TYR B 17 -25.21 13.59 11.48
N THR B 18 -26.41 13.15 11.85
CA THR B 18 -26.59 11.83 12.50
C THR B 18 -27.57 11.00 11.73
N ALA B 19 -27.11 9.86 11.24
CA ALA B 19 -27.96 8.83 10.57
C ALA B 19 -28.38 7.82 11.64
N ASN B 20 -29.69 7.73 11.88
CA ASN B 20 -30.25 6.83 12.92
C ASN B 20 -31.53 6.24 12.36
N GLY B 21 -31.65 4.92 12.25
CA GLY B 21 -32.91 4.29 11.77
C GLY B 21 -33.47 4.97 10.51
N ASN B 22 -32.63 5.09 9.49
CA ASN B 22 -32.93 5.58 8.11
C ASN B 22 -33.32 7.06 8.07
N LYS B 23 -33.06 7.82 9.14
CA LYS B 23 -33.31 9.28 9.16
C LYS B 23 -31.97 9.99 9.49
N ILE B 24 -31.64 11.01 8.71
CA ILE B 24 -30.46 11.90 8.97
C ILE B 24 -30.96 13.24 9.48
N THR B 25 -30.43 13.69 10.60
CA THR B 25 -30.82 14.96 11.24
C THR B 25 -29.54 15.72 11.56
N GLU B 26 -29.70 16.96 11.97
CA GLU B 26 -28.57 17.91 12.02
C GLU B 26 -28.60 18.60 13.36
N ARG B 27 -27.44 18.63 14.02
CA ARG B 27 -27.24 19.44 15.22
C ARG B 27 -26.21 20.49 14.87
N CYS B 28 -26.37 21.66 15.46
CA CYS B 28 -25.67 22.87 15.02
C CYS B 28 -25.10 23.59 16.22
N TYR B 29 -23.91 24.13 16.04
CA TYR B 29 -23.24 25.02 17.01
C TYR B 29 -22.77 26.24 16.25
N ASP B 30 -23.16 27.43 16.70
CA ASP B 30 -22.63 28.69 16.12
C ASP B 30 -22.09 29.58 17.23
N GLY B 31 -21.75 29.04 18.40
CA GLY B 31 -21.00 29.84 19.38
C GLY B 31 -21.77 29.96 20.66
N SER B 32 -23.00 29.46 20.71
CA SER B 32 -23.78 29.55 21.97
C SER B 32 -24.30 28.15 22.34
N ASN B 33 -25.53 27.79 22.01
CA ASN B 33 -26.10 26.48 22.35
C ASN B 33 -26.05 25.58 21.12
N TRP B 34 -26.02 24.28 21.36
CA TRP B 34 -26.32 23.32 20.31
C TRP B 34 -27.82 23.42 19.99
N TYR B 35 -28.18 23.37 18.72
CA TYR B 35 -29.61 23.43 18.33
C TYR B 35 -29.86 22.53 17.10
N THR B 36 -31.10 22.13 16.93
CA THR B 36 -31.53 21.22 15.86
C THR B 36 -31.70 22.07 14.61
N GLY B 37 -31.06 21.65 13.53
CA GLY B 37 -31.05 22.41 12.27
C GLY B 37 -32.16 21.95 11.34
N ALA B 38 -32.26 22.60 10.20
CA ALA B 38 -33.34 22.38 9.21
C ALA B 38 -33.09 21.11 8.43
N PHE B 39 -31.89 20.54 8.43
CA PHE B 39 -31.64 19.32 7.60
C PHE B 39 -32.44 18.11 8.11
N ASN B 40 -33.25 17.53 7.23
N ASN B 40 -33.21 17.51 7.22
CA ASN B 40 -34.04 16.29 7.52
CA ASN B 40 -33.95 16.27 7.52
C ASN B 40 -34.17 15.50 6.21
C ASN B 40 -34.16 15.50 6.23
N GLN B 41 -33.43 14.41 6.05
CA GLN B 41 -33.54 13.57 4.82
C GLN B 41 -33.33 12.11 5.20
N ALA B 42 -33.78 11.21 4.31
CA ALA B 42 -33.64 9.75 4.46
C ALA B 42 -32.17 9.35 4.38
N GLY B 43 -31.77 8.31 5.10
CA GLY B 43 -30.43 7.71 4.95
C GLY B 43 -29.98 6.93 6.16
N ASP B 44 -29.13 5.93 5.93
CA ASP B 44 -28.53 5.07 6.96
C ASP B 44 -27.04 5.41 7.05
N ASN B 45 -26.55 6.27 6.15
CA ASN B 45 -25.13 6.65 6.13
C ASN B 45 -25.02 8.09 5.65
N VAL B 46 -24.11 8.86 6.25
CA VAL B 46 -24.00 10.31 5.90
C VAL B 46 -22.52 10.69 5.86
N SER B 47 -22.18 11.51 4.88
CA SER B 47 -20.90 12.27 4.87
C SER B 47 -21.21 13.72 4.53
N ALA B 48 -20.29 14.63 4.84
CA ALA B 48 -20.52 16.05 4.54
C ALA B 48 -19.21 16.80 4.33
N THR B 49 -19.27 17.85 3.53
CA THR B 49 -18.12 18.77 3.28
C THR B 49 -18.67 20.17 3.16
N CYS B 50 -17.81 21.17 3.38
CA CYS B 50 -18.28 22.56 3.31
C CYS B 50 -17.14 23.49 2.89
N TRP B 51 -17.51 24.68 2.42
CA TRP B 51 -16.54 25.72 2.02
C TRP B 51 -17.21 27.08 2.25
N LEU B 52 -16.38 28.09 2.35
CA LEU B 52 -16.79 29.50 2.53
C LEU B 52 -16.49 30.25 1.23
N SER B 53 -17.44 31.04 0.77
N SER B 53 -17.45 31.05 0.76
CA SER B 53 -17.24 32.13 -0.23
CA SER B 53 -17.26 32.13 -0.24
C SER B 53 -17.38 33.46 0.52
C SER B 53 -17.38 33.46 0.52
N GLY B 54 -16.25 34.06 0.89
CA GLY B 54 -16.21 35.16 1.88
C GLY B 54 -16.75 34.63 3.19
N SER B 55 -17.90 35.12 3.63
CA SER B 55 -18.56 34.72 4.92
C SER B 55 -19.72 33.74 4.65
N ALA B 56 -20.06 33.42 3.40
CA ALA B 56 -21.28 32.66 3.07
C ALA B 56 -20.91 31.17 3.04
N VAL B 57 -21.60 30.34 3.82
CA VAL B 57 -21.25 28.89 3.91
C VAL B 57 -22.03 28.13 2.85
N HIS B 58 -21.36 27.12 2.31
CA HIS B 58 -21.89 26.15 1.34
C HIS B 58 -21.65 24.76 1.91
N ILE B 59 -22.70 23.98 2.10
CA ILE B 59 -22.59 22.63 2.69
C ILE B 59 -23.09 21.64 1.64
N ARG B 60 -22.40 20.52 1.53
CA ARG B 60 -22.94 19.37 0.77
C ARG B 60 -23.00 18.17 1.71
N VAL B 61 -24.16 17.55 1.81
CA VAL B 61 -24.38 16.31 2.57
C VAL B 61 -24.69 15.20 1.57
N TYR B 62 -23.99 14.10 1.73
CA TYR B 62 -24.17 12.86 0.95
C TYR B 62 -24.90 11.85 1.82
N ALA B 63 -26.18 11.68 1.52
CA ALA B 63 -27.11 10.81 2.24
C ALA B 63 -27.29 9.52 1.46
N THR B 64 -26.90 8.40 2.05
CA THR B 64 -26.99 7.09 1.35
C THR B 64 -28.13 6.29 1.98
N SER B 65 -29.08 5.83 1.15
CA SER B 65 -30.13 4.84 1.51
C SER B 65 -29.89 3.61 0.64
N GLY B 66 -29.58 2.47 1.24
CA GLY B 66 -29.23 1.25 0.49
C GLY B 66 -28.04 1.49 -0.41
N GLY B 67 -28.23 1.42 -1.72
CA GLY B 67 -27.12 1.51 -2.69
C GLY B 67 -27.18 2.78 -3.51
N SER B 68 -27.88 3.79 -2.99
CA SER B 68 -28.13 5.08 -3.69
C SER B 68 -27.69 6.23 -2.80
N THR B 69 -26.79 7.08 -3.27
CA THR B 69 -26.39 8.31 -2.54
C THR B 69 -27.08 9.49 -3.17
N THR B 70 -27.75 10.35 -2.37
CA THR B 70 -28.28 11.67 -2.80
C THR B 70 -27.48 12.79 -2.14
N GLU B 71 -27.16 13.82 -2.91
CA GLU B 71 -26.46 15.02 -2.46
C GLU B 71 -27.51 16.08 -2.09
N TRP B 72 -27.34 16.66 -0.92
CA TRP B 72 -28.19 17.77 -0.41
C TRP B 72 -27.29 18.99 -0.21
N CYS B 73 -27.77 20.16 -0.63
CA CYS B 73 -26.97 21.38 -0.79
C CYS B 73 -27.57 22.47 0.10
N TRP B 74 -26.71 23.09 0.91
CA TRP B 74 -27.07 24.36 1.57
C TRP B 74 -26.24 25.46 0.93
N ASP B 75 -26.88 26.48 0.36
CA ASP B 75 -26.16 27.61 -0.26
C ASP B 75 -26.67 28.94 0.33
N GLY B 76 -27.22 28.92 1.54
CA GLY B 76 -27.57 30.18 2.24
C GLY B 76 -29.06 30.34 2.48
N ASP B 77 -29.91 29.52 1.87
CA ASP B 77 -31.38 29.74 1.92
C ASP B 77 -32.18 28.46 1.69
N GLY B 78 -31.82 27.38 2.38
CA GLY B 78 -32.61 26.16 2.37
C GLY B 78 -31.86 25.02 1.74
N TRP B 79 -32.27 23.83 2.10
CA TRP B 79 -31.67 22.56 1.61
C TRP B 79 -32.28 22.27 0.25
N THR B 80 -31.46 22.06 -0.79
CA THR B 80 -31.89 21.70 -2.18
C THR B 80 -31.19 20.42 -2.65
N ARG B 81 -31.88 19.65 -3.49
CA ARG B 81 -31.31 18.45 -4.12
C ARG B 81 -30.15 18.84 -5.02
N GLY B 82 -29.00 18.17 -4.87
CA GLY B 82 -27.81 18.36 -5.71
C GLY B 82 -27.79 17.41 -6.90
N ALA B 83 -26.84 17.61 -7.81
CA ALA B 83 -26.76 16.89 -9.12
C ALA B 83 -25.95 15.60 -8.98
N TYR B 84 -25.30 15.37 -7.84
CA TYR B 84 -24.50 14.13 -7.64
C TYR B 84 -25.26 12.88 -8.10
N THR B 85 -24.57 12.00 -8.85
CA THR B 85 -24.97 10.61 -9.05
C THR B 85 -23.74 9.74 -8.80
N GLY B 86 -23.97 8.45 -8.53
CA GLY B 86 -22.94 7.44 -8.29
C GLY B 86 -22.38 6.87 -9.59
N LEU B 87 -21.67 5.75 -9.48
CA LEU B 87 -20.99 5.08 -10.64
C LEU B 87 -21.93 4.90 -11.84
N MET C 1 -23.54 0.61 2.26
CA MET C 1 -22.71 1.49 1.42
C MET C 1 -22.30 2.68 2.28
N GLN C 2 -21.06 3.15 2.18
CA GLN C 2 -20.53 4.15 3.15
C GLN C 2 -19.69 5.17 2.37
N THR C 3 -19.86 6.45 2.65
CA THR C 3 -19.15 7.52 1.89
C THR C 3 -18.25 8.34 2.81
N ALA C 4 -17.26 8.96 2.18
CA ALA C 4 -16.47 10.05 2.74
C ALA C 4 -16.48 11.17 1.70
N ALA C 5 -16.46 12.42 2.14
CA ALA C 5 -16.45 13.56 1.23
C ALA C 5 -15.38 14.56 1.62
N ILE C 6 -14.77 15.13 0.61
CA ILE C 6 -13.77 16.24 0.72
C ILE C 6 -14.05 17.27 -0.35
N SER C 7 -13.51 18.49 -0.16
CA SER C 7 -13.66 19.58 -1.12
C SER C 7 -12.50 20.54 -0.93
N TRP C 8 -12.20 21.31 -1.97
CA TRP C 8 -11.09 22.29 -1.89
C TRP C 8 -11.29 23.38 -2.93
N GLY C 9 -10.61 24.53 -2.73
CA GLY C 9 -10.60 25.61 -3.72
C GLY C 9 -11.90 26.39 -3.67
N THR C 10 -12.07 27.29 -4.64
CA THR C 10 -13.19 28.26 -4.71
C THR C 10 -14.27 27.74 -5.65
N THR C 11 -13.98 26.82 -6.57
CA THR C 11 -14.99 26.30 -7.52
C THR C 11 -16.22 25.81 -6.77
N PRO C 12 -16.16 24.84 -5.83
CA PRO C 12 -14.97 24.10 -5.47
C PRO C 12 -14.86 22.79 -6.25
N SER C 13 -13.79 22.06 -5.99
CA SER C 13 -13.67 20.63 -6.33
C SER C 13 -14.21 19.82 -5.17
N ILE C 14 -14.95 18.77 -5.48
CA ILE C 14 -15.48 17.78 -4.50
C ILE C 14 -15.04 16.37 -4.91
N ARG C 15 -14.67 15.54 -3.94
CA ARG C 15 -14.44 14.08 -4.17
C ARG C 15 -15.28 13.34 -3.15
N VAL C 16 -16.07 12.39 -3.63
CA VAL C 16 -16.86 11.53 -2.73
C VAL C 16 -16.36 10.11 -2.93
N TYR C 17 -15.88 9.49 -1.84
CA TYR C 17 -15.37 8.08 -1.85
C TYR C 17 -16.51 7.22 -1.37
N THR C 18 -16.80 6.12 -2.07
CA THR C 18 -17.87 5.20 -1.66
C THR C 18 -17.29 3.80 -1.49
N ALA C 19 -17.46 3.23 -0.30
CA ALA C 19 -17.16 1.82 0.02
C ALA C 19 -18.45 1.03 -0.21
N ASN C 20 -18.43 0.06 -1.14
CA ASN C 20 -19.58 -0.83 -1.41
C ASN C 20 -19.03 -2.23 -1.74
N GLY C 21 -19.38 -3.28 -1.00
CA GLY C 21 -18.99 -4.66 -1.37
C GLY C 21 -17.48 -4.85 -1.56
N ASN C 22 -16.74 -4.32 -0.58
CA ASN C 22 -15.26 -4.38 -0.39
C ASN C 22 -14.52 -3.59 -1.47
N LYS C 23 -15.20 -2.72 -2.21
CA LYS C 23 -14.52 -1.85 -3.19
C LYS C 23 -14.79 -0.37 -2.87
N ILE C 24 -13.75 0.42 -2.88
CA ILE C 24 -13.86 1.90 -2.75
C ILE C 24 -13.60 2.53 -4.11
N THR C 25 -14.55 3.35 -4.53
CA THR C 25 -14.48 4.13 -5.79
C THR C 25 -14.74 5.59 -5.50
N GLU C 26 -14.52 6.41 -6.52
CA GLU C 26 -14.41 7.87 -6.37
C GLU C 26 -15.29 8.57 -7.41
N ARG C 27 -16.09 9.51 -6.97
CA ARG C 27 -16.83 10.40 -7.88
C ARG C 27 -16.31 11.81 -7.63
N CYS C 28 -16.21 12.56 -8.72
CA CYS C 28 -15.45 13.81 -8.76
C CYS C 28 -16.29 14.93 -9.34
N TYR C 29 -16.21 16.13 -8.76
CA TYR C 29 -16.80 17.36 -9.28
C TYR C 29 -15.69 18.41 -9.38
N ASP C 30 -15.52 19.09 -10.53
CA ASP C 30 -14.55 20.19 -10.69
C ASP C 30 -15.24 21.42 -11.30
N GLY C 31 -16.56 21.50 -11.18
CA GLY C 31 -17.32 22.69 -11.58
C GLY C 31 -18.18 22.42 -12.80
N SER C 32 -18.13 21.24 -13.42
CA SER C 32 -18.99 20.91 -14.56
C SER C 32 -19.89 19.73 -14.19
N ASN C 33 -19.60 18.54 -14.71
N ASN C 33 -19.52 18.54 -14.61
CA ASN C 33 -20.37 17.29 -14.47
CA ASN C 33 -20.32 17.31 -14.42
C ASN C 33 -19.63 16.43 -13.42
C ASN C 33 -19.60 16.42 -13.39
N TRP C 34 -20.34 15.55 -12.72
CA TRP C 34 -19.75 14.52 -11.84
C TRP C 34 -19.14 13.45 -12.74
N TYR C 35 -18.01 12.90 -12.38
CA TYR C 35 -17.34 11.83 -13.16
C TYR C 35 -16.64 10.86 -12.21
N THR C 36 -16.45 9.67 -12.72
CA THR C 36 -15.77 8.60 -11.96
C THR C 36 -14.26 8.85 -12.00
N GLY C 37 -13.61 8.93 -10.86
CA GLY C 37 -12.17 9.17 -10.79
C GLY C 37 -11.33 7.91 -10.90
N ALA C 38 -10.02 8.10 -10.78
CA ALA C 38 -8.99 7.04 -10.94
C ALA C 38 -8.96 6.12 -9.73
N PHE C 39 -9.47 6.57 -8.57
CA PHE C 39 -9.31 5.79 -7.31
C PHE C 39 -10.13 4.49 -7.37
N ASN C 40 -9.46 3.35 -7.19
CA ASN C 40 -10.08 2.00 -7.06
C ASN C 40 -9.20 1.20 -6.09
N GLN C 41 -9.62 1.04 -4.86
CA GLN C 41 -8.80 0.25 -3.90
C GLN C 41 -9.80 -0.55 -3.06
N ALA C 42 -9.35 -1.65 -2.47
CA ALA C 42 -10.19 -2.53 -1.62
C ALA C 42 -10.52 -1.81 -0.29
N GLY C 43 -11.71 -2.06 0.23
CA GLY C 43 -12.14 -1.54 1.52
C GLY C 43 -13.64 -1.60 1.69
N ASP C 44 -14.03 -1.83 2.95
CA ASP C 44 -15.43 -1.81 3.42
C ASP C 44 -15.68 -0.49 4.15
N ASN C 45 -14.63 0.31 4.42
CA ASN C 45 -14.82 1.63 5.06
C ASN C 45 -13.80 2.63 4.52
N VAL C 46 -14.18 3.89 4.39
CA VAL C 46 -13.26 4.92 3.82
C VAL C 46 -13.39 6.18 4.66
N SER C 47 -12.30 6.93 4.77
CA SER C 47 -12.34 8.32 5.24
C SER C 47 -11.29 9.03 4.42
N ALA C 48 -11.39 10.34 4.35
CA ALA C 48 -10.47 11.09 3.48
C ALA C 48 -10.25 12.48 4.00
N THR C 49 -9.08 13.05 3.69
CA THR C 49 -8.75 14.43 4.03
C THR C 49 -7.90 14.99 2.90
N CYS C 50 -7.88 16.30 2.76
CA CYS C 50 -7.08 16.95 1.71
C CYS C 50 -6.60 18.31 2.16
N TRP C 51 -5.58 18.76 1.45
CA TRP C 51 -5.07 20.13 1.63
C TRP C 51 -4.52 20.61 0.30
N LEU C 52 -4.31 21.92 0.23
CA LEU C 52 -3.70 22.60 -0.94
C LEU C 52 -2.30 23.08 -0.53
N SER C 53 -1.31 22.81 -1.37
CA SER C 53 0.00 23.51 -1.37
C SER C 53 -0.04 24.42 -2.59
N GLY C 54 -0.22 25.71 -2.38
CA GLY C 54 -0.56 26.63 -3.48
C GLY C 54 -1.84 26.18 -4.16
N SER C 55 -1.80 25.87 -5.45
CA SER C 55 -2.96 25.39 -6.24
C SER C 55 -2.93 23.87 -6.39
N ALA C 56 -1.94 23.17 -5.82
CA ALA C 56 -1.82 21.71 -5.99
C ALA C 56 -2.56 21.02 -4.85
N VAL C 57 -3.50 20.13 -5.16
CA VAL C 57 -4.22 19.38 -4.11
C VAL C 57 -3.39 18.15 -3.73
N HIS C 58 -3.51 17.79 -2.46
CA HIS C 58 -2.98 16.57 -1.82
C HIS C 58 -4.15 15.90 -1.13
N ILE C 59 -4.39 14.65 -1.45
CA ILE C 59 -5.50 13.86 -0.86
C ILE C 59 -4.91 12.66 -0.15
N ARG C 60 -5.47 12.34 1.00
CA ARG C 60 -5.16 11.08 1.70
C ARG C 60 -6.46 10.33 1.91
N VAL C 61 -6.51 9.13 1.39
CA VAL C 61 -7.70 8.27 1.56
C VAL C 61 -7.29 7.12 2.46
N TYR C 62 -8.06 6.87 3.51
CA TYR C 62 -7.84 5.79 4.52
C TYR C 62 -8.84 4.70 4.22
N ALA C 63 -8.32 3.62 3.63
CA ALA C 63 -9.14 2.48 3.18
C ALA C 63 -8.97 1.32 4.17
N THR C 64 -10.06 0.88 4.78
CA THR C 64 -10.07 -0.21 5.78
C THR C 64 -10.75 -1.43 5.17
N SER C 65 -10.08 -2.57 5.20
CA SER C 65 -10.69 -3.90 4.94
C SER C 65 -10.39 -4.79 6.15
N GLY C 66 -11.45 -5.23 6.81
CA GLY C 66 -11.40 -5.91 8.10
C GLY C 66 -10.73 -5.03 9.13
N GLY C 67 -9.60 -5.51 9.62
CA GLY C 67 -8.87 -4.93 10.77
C GLY C 67 -7.65 -4.18 10.32
N SER C 68 -7.54 -3.83 9.04
CA SER C 68 -6.32 -3.21 8.47
C SER C 68 -6.66 -1.94 7.67
N THR C 69 -5.98 -0.83 7.92
CA THR C 69 -6.21 0.45 7.19
C THR C 69 -4.97 0.73 6.36
N THR C 70 -5.16 0.93 5.05
CA THR C 70 -4.10 1.42 4.14
C THR C 70 -4.39 2.87 3.74
N GLU C 71 -3.36 3.71 3.76
CA GLU C 71 -3.40 5.11 3.26
C GLU C 71 -3.08 5.10 1.77
N TRP C 72 -3.89 5.80 0.97
CA TRP C 72 -3.65 6.07 -0.47
C TRP C 72 -3.51 7.57 -0.68
N CYS C 73 -2.52 7.97 -1.46
CA CYS C 73 -2.01 9.34 -1.60
C CYS C 73 -2.20 9.82 -3.04
N TRP C 74 -2.84 10.97 -3.17
CA TRP C 74 -2.80 11.77 -4.41
C TRP C 74 -1.93 13.00 -4.15
N ASP C 75 -0.84 13.15 -4.90
CA ASP C 75 0.03 14.34 -4.83
C ASP C 75 0.29 14.91 -6.23
N GLY C 76 -0.63 14.72 -7.16
CA GLY C 76 -0.64 15.43 -8.45
C GLY C 76 -0.36 14.48 -9.58
N ASP C 77 0.04 13.23 -9.31
CA ASP C 77 0.46 12.32 -10.41
C ASP C 77 0.20 10.85 -10.07
N GLY C 78 -1.06 10.47 -9.87
CA GLY C 78 -1.48 9.08 -9.63
C GLY C 78 -1.62 8.76 -8.16
N TRP C 79 -2.40 7.75 -7.88
CA TRP C 79 -2.62 7.22 -6.52
C TRP C 79 -1.44 6.35 -6.12
N THR C 80 -0.80 6.67 -5.00
CA THR C 80 0.35 5.90 -4.45
C THR C 80 0.05 5.45 -3.03
N ARG C 81 0.67 4.36 -2.59
CA ARG C 81 0.47 3.77 -1.24
C ARG C 81 1.21 4.66 -0.24
N GLY C 82 0.57 5.02 0.89
CA GLY C 82 1.25 5.86 1.90
C GLY C 82 1.88 5.00 3.00
N ALA C 83 2.53 5.68 3.93
CA ALA C 83 3.32 5.05 5.02
C ALA C 83 2.48 4.81 6.28
N TYR C 84 1.22 5.28 6.35
CA TYR C 84 0.35 5.07 7.52
C TYR C 84 0.35 3.60 7.95
N THR C 85 0.44 3.41 9.26
CA THR C 85 0.17 2.14 9.95
C THR C 85 -0.72 2.44 11.16
N GLY C 86 -1.59 1.49 11.49
CA GLY C 86 -2.44 1.44 12.69
C GLY C 86 -1.69 1.21 13.99
N LEU C 87 -2.44 0.96 15.05
CA LEU C 87 -1.92 0.72 16.43
C LEU C 87 -1.01 -0.52 16.43
N MET D 1 25.59 -18.52 -18.99
CA MET D 1 25.41 -17.17 -18.36
C MET D 1 24.16 -17.21 -17.47
N GLN D 2 24.20 -16.55 -16.31
CA GLN D 2 23.12 -16.65 -15.29
C GLN D 2 22.95 -15.28 -14.64
N THR D 3 21.71 -14.83 -14.46
CA THR D 3 21.41 -13.48 -13.90
C THR D 3 20.57 -13.54 -12.64
N ALA D 4 20.64 -12.44 -11.88
CA ALA D 4 19.77 -12.14 -10.74
C ALA D 4 19.28 -10.71 -10.92
N ALA D 5 18.04 -10.43 -10.57
CA ALA D 5 17.45 -9.11 -10.73
C ALA D 5 16.86 -8.67 -9.40
N ILE D 6 17.03 -7.39 -9.08
CA ILE D 6 16.37 -6.73 -7.92
C ILE D 6 15.87 -5.36 -8.38
N SER D 7 14.94 -4.78 -7.62
CA SER D 7 14.41 -3.42 -7.88
C SER D 7 13.91 -2.82 -6.58
N TRP D 8 13.87 -1.50 -6.52
CA TRP D 8 13.40 -0.76 -5.33
C TRP D 8 12.95 0.65 -5.70
N GLY D 9 12.18 1.29 -4.82
CA GLY D 9 11.81 2.71 -4.99
C GLY D 9 10.72 2.88 -6.03
N THR D 10 10.38 4.12 -6.32
CA THR D 10 9.23 4.48 -7.19
C THR D 10 9.69 4.63 -8.63
N THR D 11 10.99 4.80 -8.90
CA THR D 11 11.47 5.10 -10.27
C THR D 11 11.10 3.98 -11.25
N PRO D 12 11.45 2.68 -11.05
CA PRO D 12 12.27 2.20 -9.96
C PRO D 12 13.75 2.19 -10.34
N SER D 13 14.60 1.91 -9.37
CA SER D 13 15.99 1.44 -9.58
C SER D 13 15.94 -0.08 -9.79
N ILE D 14 16.71 -0.58 -10.75
CA ILE D 14 16.88 -2.02 -11.04
C ILE D 14 18.39 -2.29 -11.04
N ARG D 15 18.78 -3.44 -10.49
CA ARG D 15 20.13 -3.99 -10.63
C ARG D 15 19.99 -5.41 -11.20
N VAL D 16 20.78 -5.69 -12.22
CA VAL D 16 20.87 -7.03 -12.85
C VAL D 16 22.31 -7.49 -12.66
N TYR D 17 22.50 -8.60 -11.94
CA TYR D 17 23.81 -9.26 -11.73
C TYR D 17 23.94 -10.45 -12.69
N THR D 18 25.05 -10.50 -13.38
CA THR D 18 25.28 -11.54 -14.42
C THR D 18 26.55 -12.28 -14.07
N ALA D 19 26.42 -13.59 -13.93
CA ALA D 19 27.56 -14.52 -13.76
C ALA D 19 27.88 -15.05 -15.15
N ASN D 20 29.11 -14.79 -15.61
CA ASN D 20 29.56 -15.21 -16.96
C ASN D 20 31.03 -15.66 -16.82
N GLY D 21 31.35 -16.92 -17.08
CA GLY D 21 32.78 -17.33 -17.13
C GLY D 21 33.52 -16.87 -15.88
N ASN D 22 32.96 -17.25 -14.73
CA ASN D 22 33.48 -17.10 -13.35
C ASN D 22 33.62 -15.64 -12.93
N LYS D 23 32.99 -14.70 -13.65
CA LYS D 23 32.92 -13.29 -13.18
C LYS D 23 31.47 -12.86 -13.04
N ILE D 24 31.17 -12.20 -11.92
CA ILE D 24 29.85 -11.53 -11.71
C ILE D 24 30.04 -10.03 -11.87
N THR D 25 29.22 -9.44 -12.74
CA THR D 25 29.18 -7.98 -13.00
C THR D 25 27.74 -7.49 -12.78
N GLU D 26 27.58 -6.18 -12.82
CA GLU D 26 26.32 -5.49 -12.42
C GLU D 26 25.95 -4.46 -13.49
N ARG D 27 24.68 -4.50 -13.93
CA ARG D 27 24.07 -3.48 -14.83
C ARG D 27 22.97 -2.77 -14.05
N CYS D 28 22.90 -1.46 -14.21
CA CYS D 28 22.17 -0.60 -13.27
C CYS D 28 21.23 0.30 -14.08
N TYR D 29 20.00 0.49 -13.57
CA TYR D 29 18.99 1.43 -14.07
C TYR D 29 18.49 2.29 -12.92
N ASP D 30 18.56 3.58 -13.09
CA ASP D 30 18.03 4.54 -12.09
C ASP D 30 17.10 5.52 -12.82
N GLY D 31 16.57 5.17 -13.98
CA GLY D 31 15.48 5.96 -14.61
C GLY D 31 15.88 6.59 -15.92
N SER D 32 17.15 6.52 -16.30
CA SER D 32 17.64 7.08 -17.57
C SER D 32 18.29 5.97 -18.38
N ASN D 33 19.62 5.93 -18.39
CA ASN D 33 20.44 4.91 -19.10
C ASN D 33 20.72 3.69 -18.20
N TRP D 34 20.90 2.54 -18.84
CA TRP D 34 21.56 1.38 -18.20
C TRP D 34 23.07 1.63 -18.19
N TYR D 35 23.69 1.38 -17.06
CA TYR D 35 25.13 1.61 -16.92
C TYR D 35 25.72 0.48 -16.07
N THR D 36 27.03 0.33 -16.19
CA THR D 36 27.78 -0.74 -15.52
C THR D 36 28.13 -0.28 -14.11
N GLY D 37 27.76 -1.10 -13.13
CA GLY D 37 27.99 -0.79 -11.71
C GLY D 37 29.40 -1.15 -11.22
N ALA D 38 29.64 -0.89 -9.93
CA ALA D 38 30.92 -1.12 -9.22
C ALA D 38 31.07 -2.60 -8.84
N PHE D 39 30.00 -3.39 -8.88
CA PHE D 39 30.10 -4.80 -8.40
C PHE D 39 30.95 -5.60 -9.38
N ASN D 40 32.03 -6.21 -8.87
CA ASN D 40 32.95 -7.10 -9.62
C ASN D 40 33.46 -8.13 -8.64
N GLN D 41 32.93 -9.36 -8.70
CA GLN D 41 33.40 -10.43 -7.82
C GLN D 41 33.42 -11.73 -8.63
N ALA D 42 34.22 -12.67 -8.16
CA ALA D 42 34.28 -14.05 -8.69
C ALA D 42 32.96 -14.80 -8.38
N GLY D 43 32.54 -15.62 -9.34
CA GLY D 43 31.42 -16.55 -9.15
C GLY D 43 30.87 -17.07 -10.46
N ASP D 44 30.19 -18.23 -10.39
CA ASP D 44 29.55 -18.87 -11.56
C ASP D 44 28.05 -18.80 -11.32
N ASN D 45 27.65 -18.31 -10.14
CA ASN D 45 26.22 -18.24 -9.79
C ASN D 45 26.01 -17.01 -8.87
N VAL D 46 24.88 -16.33 -9.05
CA VAL D 46 24.56 -15.10 -8.26
C VAL D 46 23.09 -15.12 -7.88
N SER D 47 22.79 -14.69 -6.65
CA SER D 47 21.43 -14.31 -6.28
C SER D 47 21.53 -12.99 -5.54
N ALA D 48 20.42 -12.27 -5.45
CA ALA D 48 20.50 -10.95 -4.77
C ALA D 48 19.18 -10.58 -4.16
N THR D 49 19.22 -9.75 -3.12
CA THR D 49 18.01 -9.23 -2.46
C THR D 49 18.33 -7.82 -1.95
N CYS D 50 17.31 -7.02 -1.70
CA CYS D 50 17.50 -5.62 -1.29
C CYS D 50 16.32 -5.12 -0.50
N TRP D 51 16.59 -4.06 0.25
CA TRP D 51 15.54 -3.40 1.04
C TRP D 51 15.88 -1.91 1.16
N LEU D 52 14.87 -1.13 1.46
CA LEU D 52 15.00 0.34 1.67
C LEU D 52 14.89 0.59 3.18
N SER D 53 15.90 1.26 3.73
N SER D 53 15.89 1.28 3.73
CA SER D 53 15.87 1.91 5.06
CA SER D 53 15.88 1.91 5.08
C SER D 53 15.73 3.41 4.81
C SER D 53 15.73 3.41 4.84
N GLY D 54 14.49 3.89 4.83
CA GLY D 54 14.11 5.25 4.39
C GLY D 54 14.45 5.45 2.92
N SER D 55 15.44 6.29 2.65
CA SER D 55 15.91 6.72 1.31
C SER D 55 17.03 5.79 0.80
N ALA D 56 17.58 4.97 1.69
CA ALA D 56 18.92 4.35 1.61
C ALA D 56 18.74 2.89 1.20
N VAL D 57 19.27 2.51 0.05
CA VAL D 57 19.15 1.10 -0.42
C VAL D 57 20.25 0.24 0.24
N HIS D 58 19.88 -0.98 0.61
CA HIS D 58 20.79 -2.03 1.12
C HIS D 58 20.65 -3.23 0.16
N ILE D 59 21.75 -3.69 -0.41
CA ILE D 59 21.76 -4.87 -1.31
C ILE D 59 22.67 -5.93 -0.71
N ARG D 60 22.25 -7.18 -0.80
CA ARG D 60 23.10 -8.34 -0.53
C ARG D 60 23.14 -9.19 -1.80
N VAL D 61 24.35 -9.46 -2.26
CA VAL D 61 24.61 -10.35 -3.42
C VAL D 61 25.31 -11.61 -2.91
N TYR D 62 24.80 -12.78 -3.28
CA TYR D 62 25.35 -14.09 -2.89
C TYR D 62 26.04 -14.60 -4.12
N ALA D 63 27.37 -14.51 -4.09
CA ALA D 63 28.26 -14.93 -5.19
C ALA D 63 28.78 -16.35 -4.88
N THR D 64 28.50 -17.29 -5.74
CA THR D 64 28.92 -18.69 -5.54
C THR D 64 30.01 -19.01 -6.55
N SER D 65 31.15 -19.43 -6.03
CA SER D 65 32.32 -19.93 -6.81
C SER D 65 32.56 -21.40 -6.43
N GLY D 66 32.26 -22.36 -7.30
CA GLY D 66 32.34 -23.80 -7.00
C GLY D 66 31.37 -24.17 -5.90
N GLY D 67 31.90 -24.48 -4.72
CA GLY D 67 31.12 -24.96 -3.55
C GLY D 67 31.12 -24.00 -2.39
N SER D 68 31.43 -22.72 -2.60
CA SER D 68 31.39 -21.72 -1.51
C SER D 68 30.71 -20.41 -1.98
N THR D 69 29.86 -19.89 -1.11
CA THR D 69 29.04 -18.69 -1.35
C THR D 69 29.60 -17.58 -0.47
N THR D 70 29.94 -16.46 -1.08
CA THR D 70 30.27 -15.19 -0.38
C THR D 70 29.14 -14.19 -0.51
N GLU D 71 28.79 -13.52 0.58
CA GLU D 71 27.85 -12.41 0.63
C GLU D 71 28.62 -11.09 0.43
N TRP D 72 28.08 -10.24 -0.44
CA TRP D 72 28.62 -8.87 -0.70
C TRP D 72 27.50 -7.87 -0.41
N CYS D 73 27.85 -6.82 0.30
CA CYS D 73 26.94 -5.86 0.93
C CYS D 73 27.17 -4.47 0.33
N TRP D 74 26.09 -3.87 -0.15
CA TRP D 74 26.04 -2.43 -0.47
C TRP D 74 25.18 -1.79 0.58
N ASP D 75 25.76 -0.82 1.32
CA ASP D 75 24.98 -0.03 2.32
C ASP D 75 25.14 1.48 1.99
N GLY D 76 25.59 1.84 0.80
CA GLY D 76 25.63 3.24 0.32
C GLY D 76 27.06 3.75 0.08
N ASP D 77 28.07 3.01 0.53
CA ASP D 77 29.50 3.42 0.46
C ASP D 77 30.38 2.22 0.08
N GLY D 78 30.09 1.56 -1.04
CA GLY D 78 30.99 0.55 -1.62
C GLY D 78 30.55 -0.84 -1.21
N TRP D 79 31.06 -1.85 -1.91
CA TRP D 79 30.78 -3.27 -1.68
C TRP D 79 31.72 -3.82 -0.62
N THR D 80 31.18 -4.36 0.47
CA THR D 80 31.98 -4.96 1.56
C THR D 80 31.54 -6.41 1.76
N ARG D 81 32.45 -7.22 2.30
CA ARG D 81 32.22 -8.66 2.48
C ARG D 81 31.24 -8.80 3.63
N GLY D 82 30.25 -9.68 3.49
CA GLY D 82 29.27 -9.93 4.56
C GLY D 82 29.70 -11.10 5.42
N ALA D 83 28.96 -11.35 6.50
CA ALA D 83 29.23 -12.41 7.50
C ALA D 83 28.56 -13.75 7.12
N TYR D 84 27.87 -13.82 5.98
CA TYR D 84 27.19 -15.08 5.58
C TYR D 84 28.21 -16.22 5.55
N THR D 85 27.79 -17.40 6.03
CA THR D 85 28.50 -18.68 5.79
C THR D 85 27.43 -19.70 5.44
N GLY D 86 27.80 -20.68 4.64
CA GLY D 86 26.97 -21.82 4.25
C GLY D 86 26.90 -22.84 5.36
N LEU D 87 26.49 -24.05 5.02
CA LEU D 87 26.22 -25.09 6.05
C LEU D 87 27.43 -25.15 7.00
N MET E 1 26.70 -25.30 -7.85
CA MET E 1 25.94 -24.86 -6.68
C MET E 1 25.15 -23.60 -7.08
N GLN E 2 23.88 -23.51 -6.69
N GLN E 2 23.88 -23.51 -6.69
CA GLN E 2 22.98 -22.42 -7.14
CA GLN E 2 22.94 -22.45 -7.15
C GLN E 2 22.20 -21.91 -5.94
C GLN E 2 22.18 -21.92 -5.95
N THR E 3 21.94 -20.61 -5.86
CA THR E 3 21.28 -19.99 -4.70
C THR E 3 20.10 -19.13 -5.14
N ALA E 4 19.19 -18.92 -4.18
CA ALA E 4 18.09 -17.94 -4.27
C ALA E 4 18.09 -17.19 -2.96
N ALA E 5 17.71 -15.92 -2.99
CA ALA E 5 17.74 -15.08 -1.80
C ALA E 5 16.47 -14.26 -1.71
N ILE E 6 15.97 -14.14 -0.49
CA ILE E 6 14.79 -13.33 -0.20
C ILE E 6 15.05 -12.56 1.08
N SER E 7 14.27 -11.53 1.29
CA SER E 7 14.38 -10.74 2.54
C SER E 7 13.06 -10.03 2.79
N TRP E 8 12.77 -9.71 4.06
CA TRP E 8 11.56 -8.97 4.42
C TRP E 8 11.81 -8.14 5.66
N GLY E 9 10.90 -7.21 5.89
CA GLY E 9 10.86 -6.42 7.13
C GLY E 9 12.03 -5.45 7.19
N THR E 10 12.18 -4.74 8.31
CA THR E 10 13.14 -3.61 8.46
C THR E 10 14.47 -4.07 9.06
N THR E 11 14.56 -5.27 9.63
CA THR E 11 15.80 -5.75 10.30
C THR E 11 16.97 -5.79 9.32
N PRO E 12 16.91 -6.45 8.15
CA PRO E 12 15.82 -7.34 7.73
C PRO E 12 16.02 -8.80 8.17
N SER E 13 15.04 -9.66 7.92
CA SER E 13 15.28 -11.12 7.84
C SER E 13 15.72 -11.48 6.42
N ILE E 14 16.66 -12.40 6.27
CA ILE E 14 17.15 -12.91 4.94
C ILE E 14 17.09 -14.43 4.98
N ARG E 15 16.71 -15.04 3.88
CA ARG E 15 16.80 -16.50 3.71
C ARG E 15 17.55 -16.70 2.42
N VAL E 16 18.56 -17.55 2.45
CA VAL E 16 19.33 -17.95 1.24
C VAL E 16 19.14 -19.45 1.08
N TYR E 17 18.61 -19.88 -0.06
CA TYR E 17 18.40 -21.29 -0.38
C TYR E 17 19.54 -21.66 -1.29
N THR E 18 20.21 -22.76 -0.97
CA THR E 18 21.31 -23.35 -1.77
C THR E 18 20.92 -24.73 -2.29
N ALA E 19 20.98 -24.91 -3.61
CA ALA E 19 20.90 -26.23 -4.28
C ALA E 19 22.32 -26.71 -4.51
N ASN E 20 22.71 -27.83 -3.89
CA ASN E 20 24.06 -28.43 -4.06
C ASN E 20 23.85 -29.95 -4.24
N GLY E 21 24.19 -30.57 -5.37
CA GLY E 21 24.18 -32.05 -5.46
C GLY E 21 22.82 -32.67 -5.09
N ASN E 22 21.78 -32.09 -5.67
CA ASN E 22 20.32 -32.44 -5.65
C ASN E 22 19.67 -32.20 -4.30
N LYS E 23 20.34 -31.49 -3.41
CA LYS E 23 19.75 -31.09 -2.11
C LYS E 23 19.63 -29.58 -2.00
N ILE E 24 18.47 -29.09 -1.58
CA ILE E 24 18.32 -27.64 -1.27
C ILE E 24 18.28 -27.45 0.23
N THR E 25 19.14 -26.59 0.78
CA THR E 25 19.18 -26.23 2.21
C THR E 25 18.93 -24.72 2.34
N GLU E 26 18.79 -24.25 3.56
CA GLU E 26 18.38 -22.87 3.84
C GLU E 26 19.28 -22.30 4.93
N ARG E 27 19.81 -21.10 4.71
CA ARG E 27 20.55 -20.36 5.77
C ARG E 27 19.75 -19.09 6.03
N CYS E 28 19.73 -18.67 7.28
CA CYS E 28 18.76 -17.71 7.77
C CYS E 28 19.48 -16.65 8.59
N TYR E 29 19.00 -15.42 8.49
CA TYR E 29 19.51 -14.25 9.25
C TYR E 29 18.33 -13.42 9.71
N ASP E 30 18.20 -13.19 11.00
CA ASP E 30 17.12 -12.35 11.56
C ASP E 30 17.72 -11.21 12.38
N GLY E 31 18.98 -10.85 12.18
CA GLY E 31 19.57 -9.65 12.84
C GLY E 31 20.72 -9.96 13.78
N SER E 32 21.06 -11.22 14.04
CA SER E 32 22.26 -11.55 14.85
C SER E 32 23.17 -12.49 14.04
N ASN E 33 23.00 -13.79 14.18
CA ASN E 33 23.85 -14.84 13.57
C ASN E 33 23.14 -15.39 12.32
N TRP E 34 23.92 -15.94 11.39
CA TRP E 34 23.40 -16.86 10.35
C TRP E 34 23.21 -18.26 10.94
N TYR E 35 22.09 -18.92 10.65
CA TYR E 35 21.81 -20.26 11.16
C TYR E 35 21.14 -21.14 10.07
N THR E 36 21.15 -22.45 10.28
CA THR E 36 20.59 -23.44 9.36
C THR E 36 19.08 -23.48 9.59
N GLY E 37 18.31 -23.30 8.52
CA GLY E 37 16.84 -23.38 8.60
C GLY E 37 16.31 -24.78 8.53
N ALA E 38 14.99 -24.91 8.73
CA ALA E 38 14.26 -26.18 8.67
C ALA E 38 14.05 -26.65 7.24
N PHE E 39 14.23 -25.79 6.24
CA PHE E 39 13.91 -26.20 4.87
C PHE E 39 14.93 -27.23 4.38
N ASN E 40 14.45 -28.39 3.93
N ASN E 40 14.46 -28.38 3.93
CA ASN E 40 15.27 -29.46 3.31
CA ASN E 40 15.30 -29.43 3.31
C ASN E 40 14.44 -30.15 2.25
C ASN E 40 14.47 -30.16 2.26
N GLN E 41 14.79 -29.97 0.98
CA GLN E 41 14.03 -30.56 -0.13
C GLN E 41 15.01 -30.87 -1.26
N ALA E 42 14.61 -31.79 -2.09
CA ALA E 42 15.34 -32.18 -3.31
C ALA E 42 15.26 -31.06 -4.36
N GLY E 43 16.38 -30.80 -5.03
CA GLY E 43 16.41 -30.07 -6.31
C GLY E 43 17.82 -29.67 -6.67
N ASP E 44 18.06 -29.48 -7.98
CA ASP E 44 19.33 -28.96 -8.52
C ASP E 44 19.18 -27.47 -8.84
N ASN E 45 17.96 -26.93 -8.73
CA ASN E 45 17.64 -25.52 -9.03
C ASN E 45 16.62 -25.02 -8.03
N VAL E 46 16.77 -23.76 -7.58
CA VAL E 46 15.85 -23.19 -6.57
C VAL E 46 15.54 -21.73 -6.95
N SER E 47 14.28 -21.34 -6.83
CA SER E 47 13.89 -19.92 -6.78
C SER E 47 13.01 -19.70 -5.57
N ALA E 48 12.85 -18.48 -5.14
CA ALA E 48 12.05 -18.21 -3.91
C ALA E 48 11.46 -16.81 -3.97
N THR E 49 10.29 -16.65 -3.33
CA THR E 49 9.63 -15.34 -3.21
C THR E 49 8.92 -15.30 -1.88
N CYS E 50 8.71 -14.10 -1.34
CA CYS E 50 8.04 -14.00 -0.03
C CYS E 50 7.19 -12.75 0.01
N TRP E 51 6.19 -12.76 0.88
CA TRP E 51 5.35 -11.58 1.12
C TRP E 51 4.98 -11.53 2.60
N LEU E 52 4.62 -10.32 3.08
CA LEU E 52 4.09 -10.13 4.45
C LEU E 52 2.58 -9.93 4.39
N SER E 53 1.85 -10.62 5.27
N SER E 53 1.83 -10.67 5.21
CA SER E 53 0.48 -10.24 5.71
CA SER E 53 0.49 -10.27 5.73
C SER E 53 0.59 -9.57 7.09
C SER E 53 0.72 -9.58 7.09
N GLY E 54 0.79 -8.25 7.11
CA GLY E 54 1.18 -7.49 8.32
C GLY E 54 2.65 -7.70 8.59
N SER E 55 3.00 -8.38 9.68
CA SER E 55 4.39 -8.78 10.02
C SER E 55 4.57 -10.30 9.86
N ALA E 56 3.53 -11.02 9.42
CA ALA E 56 3.50 -12.51 9.29
C ALA E 56 4.08 -12.92 7.92
N VAL E 57 5.07 -13.81 7.88
CA VAL E 57 5.79 -13.98 6.59
C VAL E 57 5.26 -15.24 5.91
N HIS E 58 5.25 -15.18 4.58
CA HIS E 58 4.83 -16.28 3.68
C HIS E 58 5.95 -16.44 2.69
N ILE E 59 6.50 -17.64 2.58
CA ILE E 59 7.61 -17.95 1.63
C ILE E 59 7.11 -19.06 0.68
N ARG E 60 7.44 -18.93 -0.58
CA ARG E 60 7.28 -19.99 -1.58
C ARG E 60 8.63 -20.31 -2.17
N VAL E 61 9.02 -21.57 -2.11
CA VAL E 61 10.30 -22.05 -2.68
C VAL E 61 9.96 -23.00 -3.82
N TYR E 62 10.54 -22.78 -4.98
CA TYR E 62 10.29 -23.57 -6.20
C TYR E 62 11.51 -24.42 -6.44
N ALA E 63 11.36 -25.70 -6.15
CA ALA E 63 12.49 -26.66 -6.16
C ALA E 63 12.39 -27.49 -7.42
N THR E 64 13.39 -27.46 -8.29
CA THR E 64 13.34 -28.19 -9.58
C THR E 64 14.35 -29.33 -9.52
N SER E 65 13.85 -30.54 -9.83
CA SER E 65 14.63 -31.81 -9.93
C SER E 65 14.32 -32.39 -11.30
N GLY E 66 15.35 -32.58 -12.12
CA GLY E 66 15.26 -32.89 -13.56
C GLY E 66 14.39 -31.86 -14.25
N GLY E 67 13.17 -32.29 -14.58
CA GLY E 67 12.22 -31.51 -15.41
C GLY E 67 10.91 -31.31 -14.70
N SER E 68 10.90 -31.40 -13.37
CA SER E 68 9.70 -31.14 -12.55
C SER E 68 9.99 -30.12 -11.43
N THR E 69 9.13 -29.14 -11.26
CA THR E 69 9.21 -28.16 -10.14
C THR E 69 8.12 -28.48 -9.13
N THR E 70 8.53 -28.55 -7.85
CA THR E 70 7.65 -28.66 -6.68
C THR E 70 7.71 -27.36 -5.90
N GLU E 71 6.55 -26.86 -5.52
CA GLU E 71 6.41 -25.67 -4.66
C GLU E 71 6.40 -26.12 -3.22
N TRP E 72 7.08 -25.38 -2.36
CA TRP E 72 7.09 -25.57 -0.89
C TRP E 72 6.71 -24.26 -0.20
N CYS E 73 5.91 -24.36 0.87
CA CYS E 73 5.16 -23.20 1.43
C CYS E 73 5.52 -23.05 2.90
N TRP E 74 5.91 -21.85 3.29
CA TRP E 74 5.99 -21.44 4.70
C TRP E 74 4.94 -20.37 4.89
N ASP E 75 4.02 -20.52 5.86
CA ASP E 75 2.92 -19.58 6.12
C ASP E 75 2.93 -19.17 7.59
N GLY E 76 4.08 -19.32 8.23
CA GLY E 76 4.26 -18.81 9.60
C GLY E 76 4.67 -19.93 10.56
N ASP E 77 4.41 -21.20 10.22
CA ASP E 77 4.55 -22.31 11.19
C ASP E 77 4.60 -23.65 10.46
N GLY E 78 5.70 -23.91 9.80
CA GLY E 78 5.99 -25.21 9.17
C GLY E 78 5.98 -25.12 7.66
N TRP E 79 6.75 -26.01 7.05
CA TRP E 79 6.81 -26.17 5.58
C TRP E 79 5.76 -27.19 5.13
N THR E 80 4.99 -26.87 4.09
CA THR E 80 3.99 -27.79 3.50
C THR E 80 4.20 -27.78 1.99
N ARG E 81 3.60 -28.74 1.31
CA ARG E 81 3.67 -28.77 -0.19
C ARG E 81 2.63 -27.79 -0.73
N GLY E 82 2.94 -27.15 -1.85
CA GLY E 82 2.02 -26.28 -2.57
C GLY E 82 1.41 -26.98 -3.78
N ALA E 83 0.52 -26.27 -4.45
CA ALA E 83 -0.32 -26.88 -5.52
C ALA E 83 0.29 -26.52 -6.85
N TYR E 84 1.42 -25.79 -6.87
CA TYR E 84 2.06 -25.42 -8.15
C TYR E 84 2.13 -26.66 -9.06
N THR E 85 1.79 -26.48 -10.33
CA THR E 85 2.18 -27.41 -11.41
C THR E 85 2.78 -26.62 -12.56
N GLY E 86 3.57 -27.29 -13.41
CA GLY E 86 4.15 -26.67 -14.63
C GLY E 86 3.18 -26.73 -15.81
N LEU E 87 3.68 -26.64 -17.04
CA LEU E 87 2.87 -26.42 -18.29
C LEU E 87 1.91 -27.59 -18.52
N MET F 1 16.59 -27.40 -16.11
CA MET F 1 15.41 -26.54 -16.07
C MET F 1 15.62 -25.58 -14.90
N GLN F 2 15.27 -24.31 -15.08
CA GLN F 2 15.71 -23.26 -14.12
C GLN F 2 14.55 -22.30 -13.96
N THR F 3 14.26 -21.86 -12.72
CA THR F 3 13.09 -20.99 -12.48
C THR F 3 13.49 -19.65 -11.85
N ALA F 4 12.62 -18.66 -12.02
CA ALA F 4 12.64 -17.39 -11.27
C ALA F 4 11.23 -17.19 -10.73
N ALA F 5 11.10 -16.58 -9.54
CA ALA F 5 9.78 -16.44 -8.92
C ALA F 5 9.67 -14.99 -8.42
N ILE F 6 8.50 -14.40 -8.61
CA ILE F 6 8.14 -13.04 -8.11
C ILE F 6 6.73 -13.11 -7.53
N SER F 7 6.43 -12.16 -6.63
CA SER F 7 5.09 -12.09 -6.04
C SER F 7 4.80 -10.62 -5.71
N TRP F 8 3.53 -10.28 -5.62
CA TRP F 8 3.10 -8.90 -5.27
C TRP F 8 1.72 -8.95 -4.64
N GLY F 9 1.42 -7.90 -3.84
CA GLY F 9 0.12 -7.80 -3.17
C GLY F 9 -0.02 -8.79 -2.06
N THR F 10 -1.19 -8.82 -1.45
CA THR F 10 -1.45 -9.68 -0.27
C THR F 10 -2.42 -10.78 -0.69
N THR F 11 -2.89 -10.83 -1.94
CA THR F 11 -3.60 -12.07 -2.37
C THR F 11 -2.73 -13.27 -2.03
N PRO F 12 -1.47 -13.45 -2.51
CA PRO F 12 -0.78 -12.58 -3.44
C PRO F 12 -0.94 -13.06 -4.88
N SER F 13 -0.39 -12.32 -5.82
CA SER F 13 -0.12 -12.87 -7.17
C SER F 13 1.30 -13.43 -7.14
N ILE F 14 1.50 -14.53 -7.87
CA ILE F 14 2.84 -15.14 -7.98
C ILE F 14 3.06 -15.43 -9.45
N ARG F 15 4.25 -15.16 -9.90
CA ARG F 15 4.67 -15.61 -11.25
C ARG F 15 5.92 -16.45 -11.10
N VAL F 16 5.96 -17.56 -11.80
CA VAL F 16 7.13 -18.46 -11.86
C VAL F 16 7.50 -18.59 -13.33
N TYR F 17 8.67 -18.09 -13.70
CA TYR F 17 9.24 -18.22 -15.05
C TYR F 17 10.16 -19.44 -15.05
N THR F 18 10.02 -20.26 -16.08
CA THR F 18 10.81 -21.48 -16.22
C THR F 18 11.53 -21.45 -17.57
N ALA F 19 12.87 -21.53 -17.56
CA ALA F 19 13.70 -21.74 -18.76
C ALA F 19 13.89 -23.26 -18.90
N ASN F 20 13.44 -23.82 -20.01
CA ASN F 20 13.63 -25.26 -20.31
C ASN F 20 13.85 -25.39 -21.84
N GLY F 21 14.95 -26.00 -22.28
CA GLY F 21 15.18 -26.27 -23.73
C GLY F 21 15.08 -25.01 -24.58
N ASN F 22 15.73 -23.93 -24.10
CA ASN F 22 15.87 -22.59 -24.75
C ASN F 22 14.53 -21.84 -24.84
N LYS F 23 13.52 -22.25 -24.08
CA LYS F 23 12.21 -21.55 -24.04
C LYS F 23 11.91 -21.16 -22.59
N ILE F 24 11.51 -19.92 -22.40
CA ILE F 24 11.03 -19.43 -21.09
C ILE F 24 9.51 -19.27 -21.19
N THR F 25 8.84 -19.87 -20.23
CA THR F 25 7.36 -19.83 -20.10
C THR F 25 7.00 -19.34 -18.70
N GLU F 26 5.71 -19.08 -18.48
CA GLU F 26 5.22 -18.36 -17.28
C GLU F 26 4.05 -19.15 -16.72
N ARG F 27 4.12 -19.53 -15.43
CA ARG F 27 2.98 -20.06 -14.66
C ARG F 27 2.58 -19.01 -13.64
N CYS F 28 1.28 -18.83 -13.49
CA CYS F 28 0.67 -17.68 -12.82
C CYS F 28 -0.27 -18.16 -11.74
N TYR F 29 -0.21 -17.49 -10.61
CA TYR F 29 -1.21 -17.61 -9.55
C TYR F 29 -1.73 -16.22 -9.16
N ASP F 30 -3.05 -16.08 -9.12
CA ASP F 30 -3.78 -14.83 -8.80
C ASP F 30 -4.81 -15.09 -7.73
N GLY F 31 -4.71 -16.21 -7.03
CA GLY F 31 -5.56 -16.51 -5.86
C GLY F 31 -6.46 -17.72 -6.07
N SER F 32 -6.39 -18.45 -7.18
CA SER F 32 -7.28 -19.62 -7.43
C SER F 32 -6.43 -20.73 -8.04
N ASN F 33 -6.51 -20.93 -9.34
CA ASN F 33 -5.81 -22.02 -10.02
C ASN F 33 -4.49 -21.47 -10.64
N TRP F 34 -3.43 -22.29 -10.66
CA TRP F 34 -2.23 -21.95 -11.46
C TRP F 34 -2.61 -22.00 -12.95
N TYR F 35 -2.16 -21.04 -13.75
CA TYR F 35 -2.47 -21.02 -15.18
C TYR F 35 -1.22 -20.62 -15.94
N THR F 36 -1.26 -20.92 -17.23
CA THR F 36 -0.14 -20.55 -18.11
C THR F 36 -0.35 -19.13 -18.64
N GLY F 37 0.67 -18.30 -18.44
CA GLY F 37 0.68 -16.88 -18.76
C GLY F 37 1.02 -16.60 -20.22
N ALA F 38 0.92 -15.33 -20.58
CA ALA F 38 1.16 -14.82 -21.95
C ALA F 38 2.66 -14.80 -22.24
N PHE F 39 3.53 -14.90 -21.22
CA PHE F 39 4.98 -14.74 -21.47
C PHE F 39 5.54 -15.96 -22.22
N ASN F 40 6.15 -15.74 -23.39
CA ASN F 40 6.83 -16.81 -24.17
C ASN F 40 8.00 -16.13 -24.87
N GLN F 41 9.22 -16.34 -24.40
CA GLN F 41 10.42 -15.78 -25.07
C GLN F 41 11.50 -16.85 -25.04
N ALA F 42 12.46 -16.75 -25.96
CA ALA F 42 13.68 -17.58 -26.02
C ALA F 42 14.56 -17.31 -24.78
N GLY F 43 15.18 -18.38 -24.27
CA GLY F 43 16.24 -18.24 -23.28
C GLY F 43 16.50 -19.53 -22.55
N ASP F 44 17.72 -19.71 -22.07
CA ASP F 44 18.15 -20.87 -21.28
C ASP F 44 18.29 -20.46 -19.81
N ASN F 45 18.14 -19.17 -19.50
CA ASN F 45 18.25 -18.69 -18.09
C ASN F 45 17.33 -17.48 -17.89
N VAL F 46 16.74 -17.33 -16.71
CA VAL F 46 15.74 -16.26 -16.50
C VAL F 46 15.94 -15.75 -15.07
N SER F 47 15.72 -14.44 -14.92
CA SER F 47 15.54 -13.80 -13.59
C SER F 47 14.37 -12.83 -13.75
N ALA F 48 13.84 -12.32 -12.66
CA ALA F 48 12.69 -11.43 -12.80
C ALA F 48 12.58 -10.57 -11.56
N THR F 49 11.96 -9.42 -11.70
CA THR F 49 11.68 -8.50 -10.59
C THR F 49 10.37 -7.77 -10.87
N CYS F 50 9.71 -7.22 -9.86
CA CYS F 50 8.46 -6.48 -10.07
C CYS F 50 8.28 -5.42 -9.01
N TRP F 51 7.41 -4.45 -9.30
CA TRP F 51 6.99 -3.41 -8.33
C TRP F 51 5.52 -3.07 -8.61
N LEU F 52 4.85 -2.51 -7.59
CA LEU F 52 3.51 -1.91 -7.69
C LEU F 52 3.63 -0.39 -7.69
N SER F 53 2.91 0.25 -8.60
CA SER F 53 2.57 1.68 -8.51
C SER F 53 1.10 1.77 -8.12
N GLY F 54 0.81 2.22 -6.90
CA GLY F 54 -0.46 1.97 -6.23
C GLY F 54 -0.67 0.47 -6.14
N SER F 55 -1.56 -0.05 -6.98
CA SER F 55 -1.97 -1.47 -7.11
C SER F 55 -1.79 -1.96 -8.57
N ALA F 56 -1.08 -1.21 -9.42
CA ALA F 56 -0.74 -1.64 -10.79
C ALA F 56 0.65 -2.31 -10.78
N VAL F 57 0.75 -3.55 -11.28
CA VAL F 57 2.03 -4.33 -11.31
C VAL F 57 2.86 -3.99 -12.54
N HIS F 58 4.17 -3.92 -12.32
CA HIS F 58 5.18 -3.76 -13.38
C HIS F 58 6.18 -4.90 -13.18
N ILE F 59 6.41 -5.68 -14.23
CA ILE F 59 7.32 -6.85 -14.20
C ILE F 59 8.43 -6.60 -15.20
N ARG F 60 9.64 -6.97 -14.81
CA ARG F 60 10.79 -7.04 -15.71
C ARG F 60 11.36 -8.46 -15.65
N VAL F 61 11.46 -9.07 -16.82
CA VAL F 61 12.00 -10.44 -16.95
C VAL F 61 13.28 -10.36 -17.78
N TYR F 62 14.35 -10.94 -17.27
CA TYR F 62 15.68 -10.98 -17.92
C TYR F 62 15.86 -12.39 -18.48
N ALA F 63 15.73 -12.46 -19.81
CA ALA F 63 15.85 -13.69 -20.61
C ALA F 63 17.25 -13.74 -21.23
N THR F 64 18.03 -14.74 -20.84
CA THR F 64 19.41 -14.92 -21.32
C THR F 64 19.45 -16.13 -22.25
N SER F 65 19.91 -15.88 -23.48
CA SER F 65 20.09 -16.86 -24.57
C SER F 65 21.56 -16.78 -24.99
N GLY F 66 22.35 -17.81 -24.66
CA GLY F 66 23.81 -17.82 -24.80
C GLY F 66 24.44 -16.71 -23.99
N GLY F 67 25.12 -15.78 -24.64
CA GLY F 67 25.89 -14.70 -23.99
C GLY F 67 25.15 -13.38 -24.05
N SER F 68 23.84 -13.39 -24.34
CA SER F 68 23.03 -12.16 -24.55
C SER F 68 21.75 -12.17 -23.68
N THR F 69 21.48 -11.09 -22.94
CA THR F 69 20.29 -10.94 -22.07
C THR F 69 19.34 -9.91 -22.68
N THR F 70 18.06 -10.27 -22.82
CA THR F 70 16.99 -9.36 -23.25
C THR F 70 16.02 -9.14 -22.09
N GLU F 71 15.65 -7.90 -21.85
CA GLU F 71 14.63 -7.50 -20.87
C GLU F 71 13.27 -7.46 -21.55
N TRP F 72 12.27 -8.05 -20.89
CA TRP F 72 10.84 -7.98 -21.28
C TRP F 72 10.05 -7.32 -20.18
N CYS F 73 9.09 -6.48 -20.57
CA CYS F 73 8.40 -5.57 -19.65
C CYS F 73 6.91 -5.88 -19.74
N TRP F 74 6.30 -6.09 -18.58
CA TRP F 74 4.83 -6.00 -18.40
C TRP F 74 4.51 -4.72 -17.65
N ASP F 75 3.66 -3.87 -18.26
CA ASP F 75 3.20 -2.62 -17.60
C ASP F 75 1.68 -2.53 -17.69
N GLY F 76 0.97 -3.66 -17.76
CA GLY F 76 -0.49 -3.72 -17.59
C GLY F 76 -1.18 -4.20 -18.86
N ASP F 77 -0.50 -4.14 -20.01
CA ASP F 77 -1.12 -4.31 -21.35
C ASP F 77 -0.08 -4.89 -22.31
N GLY F 78 0.39 -6.12 -22.05
CA GLY F 78 1.23 -6.89 -22.98
C GLY F 78 2.72 -6.81 -22.64
N TRP F 79 3.48 -7.75 -23.17
CA TRP F 79 4.92 -7.92 -22.94
C TRP F 79 5.67 -7.13 -24.01
N THR F 80 6.44 -6.11 -23.61
CA THR F 80 7.22 -5.26 -24.55
C THR F 80 8.72 -5.45 -24.32
N ARG F 81 9.52 -5.32 -25.36
CA ARG F 81 11.00 -5.43 -25.26
C ARG F 81 11.52 -4.18 -24.55
N GLY F 82 12.43 -4.37 -23.60
CA GLY F 82 12.97 -3.28 -22.77
C GLY F 82 14.28 -2.80 -23.34
N ALA F 83 14.82 -1.73 -22.77
CA ALA F 83 16.06 -1.03 -23.18
C ALA F 83 17.32 -1.70 -22.59
N TYR F 84 17.19 -2.70 -21.71
CA TYR F 84 18.37 -3.34 -21.09
C TYR F 84 19.38 -3.79 -22.15
N THR F 85 20.67 -3.47 -21.89
CA THR F 85 21.85 -4.07 -22.56
C THR F 85 22.89 -4.49 -21.52
N GLY F 86 23.70 -5.49 -21.86
CA GLY F 86 24.81 -6.03 -21.06
C GLY F 86 26.06 -5.14 -21.07
N LEU F 87 27.17 -5.64 -20.53
CA LEU F 87 28.47 -4.91 -20.37
C LEU F 87 28.92 -4.17 -21.64
C10 QJB G . -1.50 17.57 26.97
C11 QJB G . -2.34 18.19 28.06
C12 QJB G . -2.20 17.53 29.41
C14 QJB G . -0.49 14.46 22.29
C15 QJB G . -1.82 14.14 20.05
C17 QJB G . -3.82 15.58 19.61
C6 QJB G . 0.28 16.45 24.09
C5 QJB G . 0.12 16.76 22.75
C4 QJB G . -0.24 15.75 21.85
C3 QJB G . -0.95 15.29 19.54
C2 QJB G . -2.85 16.74 19.35
C1 QJB G . -3.35 17.83 18.43
O1 QJB G . -1.69 16.17 18.72
O2 QJB G . -0.37 16.15 20.54
C7 QJB G . 0.09 15.13 24.53
C8 QJB G . 0.26 14.76 25.99
C9 QJB G . -0.90 15.21 26.83
O3 QJB G . -1.94 14.54 26.93
N1 QJB G . -0.74 16.41 27.39
O4 QJB G . -2.88 18.32 30.38
C13 QJB G . -0.28 14.15 23.63
S1 QJB G . -0.82 13.11 21.20
C16 QJB G . -3.15 14.63 20.62
O5 QJB G . -3.95 13.48 20.94
O6 QJB G . -4.05 14.89 18.40
C10 QJB H . -22.42 24.55 27.47
C11 QJB H . -23.58 23.77 28.04
C12 QJB H . -24.69 23.46 27.09
C14 QJB H . -18.26 24.13 25.71
C15 QJB H . -17.47 22.74 23.52
C17 QJB H . -18.24 23.11 21.18
C6 QJB H . -18.96 26.68 26.54
C5 QJB H . -18.26 26.52 25.37
C4 QJB H . -17.90 25.25 24.96
C3 QJB H . -16.58 23.94 23.41
C2 QJB H . -17.40 24.37 21.20
C1 QJB H . -16.82 24.73 19.85
O1 QJB H . -16.28 24.16 22.07
O2 QJB H . -17.26 25.16 23.75
C7 QJB H . -19.31 25.58 27.33
C8 QJB H . -20.05 25.78 28.64
C9 QJB H . -21.32 26.57 28.43
O3 QJB H . -21.37 27.77 28.73
N1 QJB H . -22.39 25.93 27.93
O4 QJB H . -25.58 22.53 27.70
C13 QJB H . -18.94 24.31 26.92
S1 QJB H . -17.83 22.49 25.27
C16 QJB H . -18.68 22.88 22.61
O5 QJB H . -19.57 21.78 22.70
O6 QJB H . -17.49 22.01 20.68
C10 QJB I . -36.03 26.00 6.03
C11 QJB I . -37.48 25.53 6.06
C14 QJB I . -31.24 27.08 9.79
C15 QJB I . -29.12 25.49 9.99
C17 QJB I . -27.72 24.94 8.06
C6 QJB I . -32.10 29.34 8.44
C5 QJB I . -30.76 29.16 8.70
C4 QJB I . -30.32 28.04 9.40
C3 QJB I . -28.36 26.78 10.20
C2 QJB I . -27.18 26.34 8.16
C1 QJB I . -25.76 26.51 7.61
O1 QJB I . -27.11 26.77 9.55
O2 QJB I . -28.97 27.95 9.62
C7 QJB I . -33.02 28.38 8.79
C8 QJB I . -34.47 28.55 8.41
C9 QJB I . -34.76 27.76 7.16
O3 QJB I . -34.20 28.07 6.12
N1 QJB I . -35.67 26.79 7.20
C13 QJB I . -32.59 27.23 9.46
S1 QJB I . -30.78 25.66 10.70
C16 QJB I . -29.14 24.93 8.58
O5 QJB I . -29.70 23.63 8.53
O6 QJB I . -26.95 24.00 8.80
C14 QJB J . -25.86 21.78 -9.16
C15 QJB J . -24.50 21.04 -6.94
C17 QJB J . -22.15 20.44 -6.61
C6 QJB J . -25.55 23.07 -11.57
C5 QJB J . -24.69 23.37 -10.53
C4 QJB J . -24.83 22.70 -9.31
C3 QJB J . -24.11 22.51 -6.99
C2 QJB J . -21.81 21.94 -6.76
C1 QJB J . -20.60 22.45 -6.00
O1 QJB J . -22.89 22.75 -6.32
O2 QJB J . -23.90 23.01 -8.33
C7 QJB J . -26.60 22.16 -11.43
C8 QJB J . -27.52 21.87 -12.61
C13 QJB J . -26.74 21.51 -10.22
S1 QJB J . -26.15 20.86 -7.70
C16 QJB J . -23.38 20.15 -7.48
O5 QJB J . -23.77 18.76 -7.48
O6 QJB J . -22.45 20.11 -5.26
C14 QJB K . -7.92 11.69 -12.68
C15 QJB K . -9.24 12.28 -10.41
C17 QJB K . -8.08 12.54 -8.22
C6 QJB K . -5.46 12.20 -13.85
C5 QJB K . -5.99 13.12 -12.98
C4 QJB K . -7.24 12.87 -12.40
C3 QJB K . -8.90 13.72 -10.75
C2 QJB K . -7.63 13.94 -8.66
C1 QJB K . -7.43 14.96 -7.56
O1 QJB K . -8.63 14.48 -9.58
O2 QJB K . -7.66 13.83 -11.50
C7 QJB K . -6.12 11.02 -14.15
C8 QJB K . -5.49 10.12 -15.19
C9 QJB K . -5.85 8.66 -15.27
O3 QJB K . -6.18 8.03 -14.27
N1 QJB K . -5.71 8.06 -16.48
C13 QJB K . -7.36 10.78 -13.58
S1 QJB K . -9.49 11.36 -11.98
C16 QJB K . -8.22 11.65 -9.44
O5 QJB K . -8.66 10.34 -9.08
O6 QJB K . -9.32 12.63 -7.55
C14 QJB L . 5.28 9.17 2.86
C15 QJB L . 2.73 9.91 3.15
C17 QJB L . 1.62 11.16 4.95
C6 QJB L . 7.89 10.05 3.40
C5 QJB L . 6.84 10.95 3.41
C4 QJB L . 5.55 10.52 3.14
C3 QJB L . 3.28 11.20 2.62
C2 QJB L . 2.28 12.41 4.43
C1 QJB L . 1.50 13.69 4.64
O1 QJB L . 2.49 12.32 3.01
O2 QJB L . 4.59 11.49 3.13
C7 QJB L . 7.67 8.70 3.14
C8 QJB L . 8.82 7.71 3.15
C13 QJB L . 6.36 8.27 2.87
S1 QJB L . 3.69 8.48 2.52
C16 QJB L . 2.54 9.96 4.67
O5 QJB L . 2.01 8.74 5.19
O6 QJB L . 0.35 10.95 4.33
C10 QJB M . 33.66 2.48 -7.17
C11 QJB M . 33.23 2.91 -8.57
C12 QJB M . 33.95 2.13 -9.66
C14 QJB M . 28.19 3.03 -8.00
C15 QJB M . 26.28 1.20 -8.38
C17 QJB M . 25.30 -0.14 -6.54
C6 QJB M . 29.08 4.86 -6.08
C5 QJB M . 27.74 4.56 -6.18
C4 QJB M . 27.29 3.65 -7.15
C3 QJB M . 25.35 2.36 -7.99
C2 QJB M . 24.52 1.11 -6.10
C1 QJB M . 23.19 0.82 -5.41
O1 QJB M . 24.21 1.88 -7.27
O2 QJB M . 25.94 3.36 -7.12
C7 QJB M . 30.00 4.28 -6.96
C8 QJB M . 31.45 4.64 -6.82
C9 QJB M . 32.11 3.82 -5.73
O3 QJB M . 32.05 4.17 -4.55
N1 QJB M . 32.71 2.68 -6.09
O4 QJB M . 34.32 2.90 -10.81
C13 QJB M . 29.55 3.38 -7.92
S1 QJB M . 27.71 1.90 -9.26
C16 QJB M . 26.60 0.32 -7.18
O5 QJB M . 27.45 -0.77 -7.65
O6 QJB M . 24.52 -0.89 -7.46
C14 QJB N . 27.38 -7.82 9.06
C15 QJB N . 25.82 -8.39 6.92
C17 QJB N . 23.61 -9.47 6.81
C6 QJB N . 27.32 -7.01 11.73
C5 QJB N . 26.21 -6.81 10.92
C4 QJB N . 26.24 -7.24 9.58
C3 QJB N . 25.17 -7.12 7.41
C2 QJB N . 23.01 -8.22 7.41
C1 QJB N . 21.62 -7.86 6.93
O1 QJB N . 23.80 -7.06 7.07
O2 QJB N . 25.09 -7.01 8.85
C7 QJB N . 28.47 -7.61 11.22
C8 QJB N . 29.70 -7.81 12.09
C13 QJB N . 28.49 -7.99 9.89
S1 QJB N . 27.59 -8.41 7.40
C16 QJB N . 25.03 -9.64 7.34
O5 QJB N . 25.69 -10.84 6.89
O6 QJB N . 23.61 -9.34 5.40
C10 QJB O . 10.86 -27.67 12.12
C11 QJB O . 11.43 -29.07 11.97
C12 QJB O . 10.61 -29.95 11.03
C14 QJB O . 12.86 -22.37 11.85
C15 QJB O . 13.38 -21.00 9.59
C17 QJB O . 11.78 -20.46 7.82
C6 QJB O . 10.90 -22.74 13.78
C5 QJB O . 10.91 -21.58 13.01
C4 QJB O . 11.87 -21.42 12.03
C3 QJB O . 12.85 -19.82 10.41
C2 QJB O . 11.18 -19.41 8.74
C1 QJB O . 10.55 -18.24 8.03
O1 QJB O . 12.23 -18.86 9.57
O2 QJB O . 11.79 -20.23 11.34
C7 QJB O . 11.87 -23.71 13.60
C8 QJB O . 11.91 -24.94 14.47
C9 QJB O . 11.11 -26.07 13.91
O3 QJB O . 10.00 -26.33 14.34
N1 QJB O . 11.67 -26.76 12.91
O4 QJB O . 9.66 -30.77 11.70
C13 QJB O . 12.84 -23.52 12.64
S1 QJB O . 14.13 -22.22 10.67
C16 QJB O . 12.32 -21.60 8.67
O5 QJB O . 12.81 -22.68 7.84
O6 QJB O . 12.82 -19.86 7.03
C14 QJB P . -2.84 -23.98 -2.06
C15 QJB P . -0.39 -22.77 -2.25
C17 QJB P . 0.08 -20.80 -3.69
C6 QJB P . -5.52 -23.49 -2.05
C5 QJB P . -4.65 -22.46 -1.71
C4 QJB P . -3.28 -22.73 -1.69
C3 QJB P . -1.03 -21.81 -1.23
C2 QJB P . -0.71 -19.93 -2.71
C1 QJB P . -0.25 -18.49 -2.63
O1 QJB P . -0.52 -20.52 -1.40
O2 QJB P . -2.46 -21.65 -1.40
C7 QJB P . -5.09 -24.76 -2.41
C8 QJB P . -6.08 -25.85 -2.78
C9 QJB P . -6.91 -25.59 -4.02
O3 QJB P . -6.71 -24.63 -4.77
N1 QJB P . -7.91 -26.44 -4.25
C13 QJB P . -3.72 -25.01 -2.38
S1 QJB P . -1.15 -24.40 -2.04
C16 QJB P . -0.51 -22.19 -3.65
O5 QJB P . 0.04 -23.05 -4.66
O6 QJB P . 1.46 -20.89 -3.33
C14 QJB Q . 12.22 1.76 -21.49
C15 QJB Q . 12.30 -0.18 -19.63
C17 QJB Q . 13.45 -0.25 -17.42
C6 QJB Q . 12.21 4.50 -21.83
C5 QJB Q . 11.86 3.97 -20.60
C4 QJB Q . 11.86 2.58 -20.43
C3 QJB Q . 11.23 0.71 -19.02
C2 QJB Q . 12.41 0.72 -16.91
C1 QJB Q . 12.09 0.56 -15.45
O1 QJB Q . 11.16 0.50 -17.62
O2 QJB Q . 11.53 2.11 -19.17
C7 QJB Q . 12.56 3.69 -22.90
C8 QJB Q . 12.92 4.29 -24.24
C13 QJB Q . 12.54 2.31 -22.73
S1 QJB Q . 12.29 0.01 -21.43
C16 QJB Q . 13.64 0.03 -18.91
O5 QJB Q . 14.67 -0.77 -19.52
O6 QJB Q . 12.97 -1.57 -17.16
C10 QJB R . -1.81 -12.02 -25.15
C11 QJB R . -1.91 -12.98 -26.31
C12 QJB R . -3.34 -13.20 -26.77
C14 QJB R . -2.42 -12.54 -19.08
C15 QJB R . -0.44 -12.94 -17.26
C17 QJB R . 1.34 -11.27 -16.73
C6 QJB R . -3.98 -10.53 -20.12
C5 QJB R . -3.48 -10.40 -18.84
C4 QJB R . -2.66 -11.40 -18.33
C3 QJB R . -1.35 -12.14 -16.35
C2 QJB R . 0.32 -10.49 -15.94
C1 QJB R . 0.91 -9.68 -14.80
O1 QJB R . -0.65 -11.43 -15.38
O2 QJB R . -2.17 -11.18 -17.06
C7 QJB R . -3.73 -11.67 -20.88
C8 QJB R . -4.28 -11.79 -22.28
C9 QJB R . -3.22 -11.39 -23.26
O3 QJB R . -2.88 -10.21 -23.36
N1 QJB R . -2.73 -12.33 -24.06
O4 QJB R . -3.36 -13.71 -28.06
C13 QJB R . -2.92 -12.66 -20.35
S1 QJB R . -1.43 -13.86 -18.50
C16 QJB R . 0.64 -12.03 -17.86
O5 QJB R . 1.54 -12.78 -18.65
O6 QJB R . 2.01 -12.15 -15.85
#